data_3U6M
#
_entry.id   3U6M
#
_cell.length_a   45.188
_cell.length_b   93.541
_cell.length_c   104.650
_cell.angle_alpha   90.00
_cell.angle_beta   90.00
_cell.angle_gamma   90.00
#
_symmetry.space_group_name_H-M   'P 21 21 21'
#
loop_
_entity.id
_entity.type
_entity.pdbx_description
1 polymer 'Formamidopyrimidine-DNA glycosylase'
2 polymer "DNA (5'-D(*AP*GP*GP*TP*AP*GP*AP*CP*CP*AP*GP*GP*AP*CP*GP*C)-3')"
3 polymer "DNA (5'-D(*TP*GP*CP*GP*TP*CP*CP*TP*(8OG)P*GP*TP*(CX2)P*TP*AP*CP*C)-3')"
4 non-polymer 'ZINC ION'
5 water water
#
loop_
_entity_poly.entity_id
_entity_poly.type
_entity_poly.pdbx_seq_one_letter_code
_entity_poly.pdbx_strand_id
1 'polypeptide(L)'
;PQLPEVETIRRTLLPLIVGKTIEDVRIFWPNIIRHPRDSEAFAARMIGQTVRGLERRGKFLKFLLDRDALISHLRMEGRY
AVASALEPLEPHTHVVFCFTDGSELRYRDVRKFGTMHVYAKEEADRRPPLAELGPEPLSPAFSPAVLAERAVKTKRSVKA
LLLDCTVVAGFGNIYVDESLFRAGILPGRPAASLSSKEIERLHEEMVATIGEAVMKGGSTPRTYVNTQGEAGTFQHHLYV
YGRQGNPCKRCGTPIEKTVVAGRGTHYCPRCQR
;
A
2 'polydeoxyribonucleotide' (DA)(DG)(DG)(DT)(DA)(DG)(DA)(DC)(DC)(DA)(DG)(DG)(DA)(DC)(DG)(DC) B
3 'polydeoxyribonucleotide' (DT)(DG)(DC)(DG)(DT)(DC)(DC)(DT)(8OG)(DG)(DT)(CX2)(DT)(DA)(DC)(DC) C
#
# COMPACT_ATOMS: atom_id res chain seq x y z
N PRO A 1 7.05 0.73 0.16
CA PRO A 1 6.67 -0.24 1.18
C PRO A 1 5.42 -1.03 0.79
N GLN A 2 5.38 -2.31 1.13
CA GLN A 2 4.20 -3.14 0.87
C GLN A 2 3.23 -3.02 2.04
N LEU A 3 2.02 -3.53 1.84
CA LEU A 3 0.98 -3.43 2.88
C LEU A 3 1.45 -3.85 4.27
N PRO A 4 2.17 -4.98 4.36
CA PRO A 4 2.63 -5.39 5.69
C PRO A 4 3.61 -4.40 6.31
N GLU A 5 4.47 -3.81 5.48
CA GLU A 5 5.39 -2.79 5.98
C GLU A 5 4.61 -1.54 6.42
N VAL A 6 3.62 -1.17 5.63
CA VAL A 6 2.78 -0.02 5.97
C VAL A 6 2.06 -0.24 7.29
N GLU A 7 1.61 -1.46 7.55
CA GLU A 7 0.95 -1.74 8.82
C GLU A 7 1.95 -1.64 9.97
N THR A 8 3.19 -2.03 9.72
CA THR A 8 4.24 -1.91 10.73
C THR A 8 4.49 -0.44 11.03
N ILE A 9 4.60 0.37 9.98
CA ILE A 9 4.76 1.81 10.14
C ILE A 9 3.61 2.39 10.95
N ARG A 10 2.39 2.01 10.60
CA ARG A 10 1.22 2.49 11.32
C ARG A 10 1.34 2.20 12.80
N ARG A 11 1.73 0.98 13.12
CA ARG A 11 1.77 0.52 14.50
C ARG A 11 2.86 1.24 15.31
N THR A 12 4.00 1.47 14.68
CA THR A 12 5.14 2.00 15.42
C THR A 12 5.14 3.52 15.43
N LEU A 13 4.60 4.12 14.37
CA LEU A 13 4.53 5.58 14.29
C LEU A 13 3.54 6.17 15.31
N LEU A 14 2.40 5.54 15.47
CA LEU A 14 1.32 6.10 16.29
C LEU A 14 1.73 6.62 17.68
N PRO A 15 2.39 5.77 18.49
CA PRO A 15 2.75 6.25 19.83
C PRO A 15 3.77 7.39 19.79
N LEU A 16 4.52 7.49 18.69
CA LEU A 16 5.53 8.54 18.54
C LEU A 16 4.91 9.91 18.24
N ILE A 17 3.65 9.91 17.79
CA ILE A 17 3.03 11.18 17.42
C ILE A 17 1.69 11.47 18.12
N VAL A 18 1.03 10.45 18.66
CA VAL A 18 -0.31 10.67 19.21
C VAL A 18 -0.27 11.74 20.29
N GLY A 19 -1.27 12.61 20.29
CA GLY A 19 -1.36 13.66 21.31
C GLY A 19 -0.47 14.86 21.05
N LYS A 20 0.38 14.81 20.03
CA LYS A 20 1.19 15.98 19.68
C LYS A 20 0.41 17.00 18.84
N THR A 21 0.68 18.27 19.07
CA THR A 21 -0.03 19.34 18.39
C THR A 21 0.86 19.95 17.32
N ILE A 22 0.33 20.08 16.11
CA ILE A 22 1.12 20.63 15.00
C ILE A 22 1.26 22.13 15.14
N GLU A 23 2.50 22.61 15.04
CA GLU A 23 2.77 24.03 15.16
C GLU A 23 3.18 24.60 13.81
N ASP A 24 3.69 23.74 12.92
CA ASP A 24 4.13 24.21 11.61
C ASP A 24 4.19 23.05 10.65
N VAL A 25 4.05 23.35 9.36
CA VAL A 25 4.18 22.34 8.31
C VAL A 25 5.07 22.90 7.23
N ARG A 26 6.16 22.20 6.93
CA ARG A 26 7.13 22.70 5.94
C ARG A 26 7.18 21.77 4.74
N ILE A 27 7.09 22.35 3.55
CA ILE A 27 6.98 21.58 2.33
C ILE A 27 8.09 21.98 1.35
N PHE A 28 8.89 21.01 0.93
CA PHE A 28 10.02 21.30 0.07
C PHE A 28 9.85 20.76 -1.35
N TRP A 29 8.85 19.90 -1.52
CA TRP A 29 8.45 19.46 -2.86
C TRP A 29 6.94 19.45 -2.93
N PRO A 30 6.36 20.59 -3.37
CA PRO A 30 4.93 20.86 -3.38
C PRO A 30 4.12 19.78 -4.08
N ASN A 31 4.68 19.21 -5.15
CA ASN A 31 3.98 18.21 -5.94
C ASN A 31 3.50 16.99 -5.15
N ILE A 32 4.12 16.73 -3.99
CA ILE A 32 3.66 15.65 -3.11
C ILE A 32 2.23 15.94 -2.64
N ILE A 33 1.93 17.21 -2.43
CA ILE A 33 0.62 17.63 -1.94
C ILE A 33 -0.42 17.58 -3.05
N ARG A 34 -1.44 16.76 -2.89
CA ARG A 34 -2.45 16.61 -3.94
C ARG A 34 -3.79 17.24 -3.55
N HIS A 35 -4.06 17.35 -2.26
CA HIS A 35 -5.24 18.07 -1.80
C HIS A 35 -5.07 18.58 -0.37
N PRO A 36 -5.44 19.84 -0.13
CA PRO A 36 -5.86 20.77 -1.18
C PRO A 36 -4.71 21.02 -2.17
N ARG A 37 -5.03 21.48 -3.36
CA ARG A 37 -4.04 21.58 -4.44
C ARG A 37 -2.92 22.54 -4.06
N ASP A 38 -3.31 23.67 -3.48
CA ASP A 38 -2.36 24.67 -3.00
C ASP A 38 -1.67 24.19 -1.72
N SER A 39 -0.38 23.92 -1.81
CA SER A 39 0.34 23.38 -0.65
C SER A 39 0.35 24.35 0.55
N GLU A 40 0.12 25.64 0.31
CA GLU A 40 0.02 26.60 1.41
C GLU A 40 -1.28 26.43 2.22
N ALA A 41 -2.35 26.03 1.54
CA ALA A 41 -3.61 25.77 2.22
C ALA A 41 -3.49 24.50 3.05
N PHE A 42 -2.82 23.52 2.45
CA PHE A 42 -2.51 22.27 3.12
C PHE A 42 -1.80 22.55 4.45
N ALA A 43 -0.72 23.32 4.39
CA ALA A 43 0.07 23.65 5.57
C ALA A 43 -0.77 24.41 6.60
N ALA A 44 -1.46 25.46 6.16
CA ALA A 44 -2.21 26.31 7.08
C ALA A 44 -3.30 25.57 7.86
N ARG A 45 -4.01 24.65 7.20
CA ARG A 45 -5.14 24.03 7.88
C ARG A 45 -4.72 23.05 8.96
N MET A 46 -3.52 22.50 8.83
CA MET A 46 -3.10 21.49 9.80
CA MET A 46 -3.01 21.48 9.76
C MET A 46 -2.58 22.11 11.09
N ILE A 47 -2.14 23.36 11.01
CA ILE A 47 -1.59 24.01 12.19
C ILE A 47 -2.60 24.16 13.33
N GLY A 48 -2.20 23.78 14.53
CA GLY A 48 -3.09 23.90 15.68
C GLY A 48 -3.87 22.63 15.91
N GLN A 49 -3.84 21.71 14.95
CA GLN A 49 -4.52 20.43 15.15
C GLN A 49 -3.61 19.47 15.89
N THR A 50 -4.21 18.60 16.68
CA THR A 50 -3.49 17.60 17.45
C THR A 50 -3.69 16.23 16.79
N VAL A 51 -2.66 15.40 16.79
CA VAL A 51 -2.77 14.04 16.23
C VAL A 51 -3.56 13.15 17.19
N ARG A 52 -4.65 12.58 16.72
CA ARG A 52 -5.51 11.77 17.59
C ARG A 52 -5.42 10.27 17.30
N GLY A 53 -5.01 9.91 16.10
CA GLY A 53 -4.94 8.50 15.73
C GLY A 53 -4.27 8.27 14.39
N LEU A 54 -4.05 7.00 14.06
CA LEU A 54 -3.39 6.64 12.81
C LEU A 54 -3.94 5.30 12.34
N GLU A 55 -4.57 5.31 11.17
CA GLU A 55 -5.15 4.11 10.63
C GLU A 55 -4.51 3.82 9.28
N ARG A 56 -4.81 2.64 8.73
CA ARG A 56 -4.28 2.22 7.45
C ARG A 56 -5.43 1.71 6.59
N ARG A 57 -5.43 2.08 5.31
CA ARG A 57 -6.33 1.47 4.32
C ARG A 57 -5.52 1.10 3.09
N GLY A 58 -5.46 -0.18 2.77
CA GLY A 58 -4.58 -0.64 1.71
C GLY A 58 -3.17 -0.23 2.07
N LYS A 59 -2.48 0.46 1.17
CA LYS A 59 -1.15 0.96 1.45
C LYS A 59 -1.18 2.42 1.93
N PHE A 60 -2.38 2.97 2.12
CA PHE A 60 -2.54 4.35 2.58
C PHE A 60 -2.49 4.46 4.10
N LEU A 61 -1.77 5.46 4.59
CA LEU A 61 -1.82 5.81 6.00
C LEU A 61 -2.82 6.95 6.17
N LYS A 62 -3.66 6.85 7.19
CA LYS A 62 -4.63 7.91 7.47
C LYS A 62 -4.39 8.49 8.85
N PHE A 63 -3.77 9.66 8.88
CA PHE A 63 -3.51 10.36 10.13
C PHE A 63 -4.78 11.10 10.57
N LEU A 64 -5.32 10.77 11.75
CA LEU A 64 -6.51 11.45 12.24
C LEU A 64 -6.13 12.60 13.16
N LEU A 65 -6.58 13.81 12.82
CA LEU A 65 -6.31 14.97 13.64
C LEU A 65 -7.57 15.40 14.38
N ASP A 66 -7.75 16.70 14.61
CA ASP A 66 -8.94 17.16 15.32
C ASP A 66 -10.11 17.23 14.37
N ARG A 67 -9.94 17.96 13.29
CA ARG A 67 -11.00 18.14 12.31
C ARG A 67 -10.70 17.35 11.03
N ASP A 68 -9.41 17.25 10.69
CA ASP A 68 -8.99 16.67 9.43
C ASP A 68 -8.38 15.27 9.52
N ALA A 69 -8.33 14.62 8.37
CA ALA A 69 -7.53 13.41 8.19
C ALA A 69 -6.49 13.73 7.12
N LEU A 70 -5.27 13.27 7.34
CA LEU A 70 -4.22 13.34 6.33
C LEU A 70 -4.03 11.97 5.72
N ILE A 71 -4.27 11.83 4.43
CA ILE A 71 -4.13 10.55 3.72
C ILE A 71 -2.79 10.52 3.01
N SER A 72 -1.94 9.57 3.36
CA SER A 72 -0.58 9.54 2.83
C SER A 72 -0.21 8.20 2.17
N HIS A 73 0.41 8.27 1.00
CA HIS A 73 0.91 7.09 0.30
C HIS A 73 2.40 7.23 0.01
N LEU A 74 3.19 6.26 0.47
CA LEU A 74 4.65 6.31 0.34
C LEU A 74 5.16 5.78 -1.00
N ARG A 75 4.29 5.15 -1.77
CA ARG A 75 4.73 4.47 -3.00
C ARG A 75 5.89 3.53 -2.68
N MET A 76 6.92 3.57 -3.51
CA MET A 76 8.01 2.58 -3.40
C MET A 76 9.07 2.92 -2.37
N GLU A 77 9.41 4.20 -2.21
CA GLU A 77 10.52 4.53 -1.32
C GLU A 77 10.27 5.63 -0.28
N GLY A 78 9.01 6.03 -0.10
CA GLY A 78 8.68 6.99 0.94
C GLY A 78 8.90 6.41 2.32
N ARG A 79 9.33 7.24 3.25
CA ARG A 79 9.56 6.79 4.63
C ARG A 79 9.20 7.91 5.61
N TYR A 80 8.68 7.55 6.79
CA TYR A 80 8.44 8.52 7.86
C TYR A 80 9.42 8.33 9.00
N ALA A 81 9.83 9.43 9.62
CA ALA A 81 10.65 9.37 10.81
C ALA A 81 10.26 10.47 11.76
N VAL A 82 10.39 10.23 13.06
CA VAL A 82 10.16 11.24 14.07
C VAL A 82 11.49 11.57 14.70
N ALA A 83 11.80 12.86 14.78
CA ALA A 83 13.10 13.27 15.31
C ALA A 83 13.05 14.71 15.77
N SER A 84 14.17 15.18 16.32
CA SER A 84 14.24 16.50 16.90
C SER A 84 14.40 17.59 15.84
N ALA A 85 13.69 18.69 16.04
CA ALA A 85 13.81 19.86 15.19
C ALA A 85 15.23 20.43 15.25
N LEU A 86 16.03 19.99 16.22
CA LEU A 86 17.36 20.56 16.38
C LEU A 86 18.43 19.91 15.49
N GLU A 87 18.09 18.75 14.92
CA GLU A 87 19.01 18.00 14.07
C GLU A 87 18.78 18.25 12.58
N PRO A 88 19.85 18.18 11.77
CA PRO A 88 19.71 18.39 10.32
C PRO A 88 18.80 17.35 9.70
N LEU A 89 18.02 17.75 8.70
CA LEU A 89 17.18 16.81 7.96
C LEU A 89 18.02 15.82 7.16
N GLU A 90 17.51 14.63 6.97
CA GLU A 90 18.14 13.65 6.10
C GLU A 90 17.89 14.01 4.64
N PRO A 91 18.69 13.43 3.72
CA PRO A 91 18.54 13.73 2.29
C PRO A 91 17.16 13.35 1.79
N HIS A 92 16.65 14.10 0.80
CA HIS A 92 15.38 13.74 0.17
C HIS A 92 14.19 13.85 1.12
N THR A 93 14.27 14.78 2.07
CA THR A 93 13.15 15.07 2.96
C THR A 93 12.28 16.14 2.33
N HIS A 94 11.01 15.83 2.11
CA HIS A 94 10.16 16.67 1.27
C HIS A 94 9.04 17.36 2.04
N VAL A 95 8.60 16.76 3.15
CA VAL A 95 7.55 17.34 3.97
C VAL A 95 7.90 17.11 5.43
N VAL A 96 7.76 18.15 6.26
CA VAL A 96 7.98 18.01 7.69
C VAL A 96 6.84 18.61 8.51
N PHE A 97 6.29 17.84 9.44
CA PHE A 97 5.29 18.38 10.37
C PHE A 97 5.97 18.65 11.71
N CYS A 98 5.99 19.91 12.12
CA CYS A 98 6.63 20.32 13.36
C CYS A 98 5.62 20.37 14.50
N PHE A 99 5.92 19.70 15.60
CA PHE A 99 5.01 19.66 16.76
C PHE A 99 5.47 20.64 17.83
N THR A 100 4.57 20.99 18.74
CA THR A 100 4.83 22.01 19.76
C THR A 100 5.86 21.57 20.79
N ASP A 101 6.18 20.28 20.80
CA ASP A 101 7.14 19.79 21.79
C ASP A 101 8.57 19.72 21.24
N GLY A 102 8.78 20.31 20.07
CA GLY A 102 10.11 20.36 19.48
C GLY A 102 10.50 19.13 18.67
N SER A 103 9.59 18.18 18.50
CA SER A 103 9.87 17.03 17.64
C SER A 103 9.19 17.25 16.30
N GLU A 104 9.51 16.41 15.32
CA GLU A 104 8.98 16.54 13.96
C GLU A 104 8.66 15.18 13.37
N LEU A 105 7.65 15.15 12.52
CA LEU A 105 7.36 14.01 11.68
C LEU A 105 7.91 14.35 10.29
N ARG A 106 8.91 13.60 9.82
CA ARG A 106 9.57 13.87 8.54
C ARG A 106 9.19 12.87 7.48
N TYR A 107 8.87 13.35 6.29
CA TYR A 107 8.59 12.46 5.17
C TYR A 107 9.72 12.57 4.16
N ARG A 108 10.38 11.44 3.88
CA ARG A 108 11.48 11.39 2.90
C ARG A 108 11.09 10.43 1.80
N ASP A 109 11.61 10.67 0.59
CA ASP A 109 11.21 9.91 -0.59
C ASP A 109 12.15 10.24 -1.75
N VAL A 110 13.17 9.41 -1.95
CA VAL A 110 14.13 9.64 -3.03
C VAL A 110 13.46 9.78 -4.41
N ARG A 111 12.43 8.98 -4.68
CA ARG A 111 11.75 9.01 -5.97
C ARG A 111 10.74 10.15 -6.09
N LYS A 112 10.42 10.78 -4.96
CA LYS A 112 9.44 11.84 -4.95
C LYS A 112 8.13 11.39 -5.56
N PHE A 113 7.74 10.17 -5.26
CA PHE A 113 6.55 9.57 -5.86
C PHE A 113 5.33 9.60 -4.94
N GLY A 114 5.58 9.69 -3.63
CA GLY A 114 4.48 9.67 -2.66
C GLY A 114 3.47 10.80 -2.82
N THR A 115 2.33 10.66 -2.16
CA THR A 115 1.27 11.66 -2.25
C THR A 115 0.64 11.94 -0.89
N MET A 116 0.10 13.15 -0.73
CA MET A 116 -0.63 13.51 0.48
C MET A 116 -1.91 14.25 0.13
N HIS A 117 -3.01 13.82 0.76
CA HIS A 117 -4.31 14.51 0.67
C HIS A 117 -4.84 14.82 2.07
N VAL A 118 -5.36 16.03 2.27
CA VAL A 118 -6.04 16.37 3.51
C VAL A 118 -7.50 16.75 3.28
N TYR A 119 -8.41 16.14 4.04
CA TYR A 119 -9.83 16.48 4.03
C TYR A 119 -10.38 16.48 5.46
N ALA A 120 -11.52 17.13 5.66
CA ALA A 120 -12.27 16.92 6.90
C ALA A 120 -12.45 15.42 7.09
N LYS A 121 -12.32 14.95 8.33
CA LYS A 121 -12.42 13.51 8.62
C LYS A 121 -13.59 12.81 7.95
N GLU A 122 -14.75 13.44 8.01
CA GLU A 122 -15.98 12.82 7.54
C GLU A 122 -16.04 12.71 6.01
N GLU A 123 -15.14 13.41 5.33
CA GLU A 123 -15.11 13.38 3.86
C GLU A 123 -14.03 12.46 3.29
N ALA A 124 -13.01 12.17 4.07
CA ALA A 124 -11.85 11.39 3.60
C ALA A 124 -12.23 10.14 2.84
N ASP A 125 -13.16 9.36 3.39
CA ASP A 125 -13.49 8.05 2.83
C ASP A 125 -14.27 8.13 1.51
N ARG A 126 -14.81 9.30 1.18
CA ARG A 126 -15.58 9.43 -0.06
C ARG A 126 -14.93 10.34 -1.09
N ARG A 127 -13.63 10.59 -0.92
CA ARG A 127 -12.88 11.42 -1.84
C ARG A 127 -11.63 10.67 -2.22
N PRO A 128 -10.98 11.05 -3.33
CA PRO A 128 -9.71 10.41 -3.67
C PRO A 128 -8.67 10.71 -2.60
N PRO A 129 -7.74 9.78 -2.37
CA PRO A 129 -7.62 8.52 -3.11
C PRO A 129 -8.29 7.32 -2.44
N LEU A 130 -9.06 7.52 -1.38
CA LEU A 130 -9.63 6.39 -0.64
C LEU A 130 -10.93 5.91 -1.24
N ALA A 131 -11.61 6.81 -1.94
CA ALA A 131 -12.86 6.47 -2.57
C ALA A 131 -12.62 5.35 -3.57
N GLU A 132 -13.51 4.35 -3.56
CA GLU A 132 -13.44 3.23 -4.52
C GLU A 132 -12.46 2.14 -4.11
N LEU A 133 -11.59 2.44 -3.14
CA LEU A 133 -10.65 1.44 -2.65
C LEU A 133 -11.40 0.18 -2.23
N GLY A 134 -10.89 -0.97 -2.65
CA GLY A 134 -11.51 -2.24 -2.33
C GLY A 134 -11.31 -2.65 -0.88
N PRO A 135 -11.92 -3.77 -0.48
CA PRO A 135 -11.86 -4.26 0.90
C PRO A 135 -10.45 -4.61 1.35
N GLU A 136 -10.21 -4.56 2.65
CA GLU A 136 -8.95 -5.04 3.22
C GLU A 136 -8.81 -6.53 2.94
N PRO A 137 -7.65 -6.95 2.41
CA PRO A 137 -7.46 -8.35 2.09
C PRO A 137 -7.63 -9.25 3.30
N LEU A 138 -7.30 -8.73 4.48
CA LEU A 138 -7.42 -9.53 5.71
C LEU A 138 -8.79 -9.41 6.36
N SER A 139 -9.73 -8.74 5.69
CA SER A 139 -11.07 -8.57 6.25
C SER A 139 -12.06 -9.52 5.60
N PRO A 140 -13.13 -9.89 6.34
CA PRO A 140 -14.18 -10.75 5.82
C PRO A 140 -14.91 -10.11 4.64
N ALA A 141 -14.77 -8.80 4.49
CA ALA A 141 -15.33 -8.10 3.34
C ALA A 141 -14.64 -8.56 2.05
N PHE A 142 -13.42 -9.05 2.17
CA PHE A 142 -12.74 -9.67 1.04
C PHE A 142 -12.92 -11.16 1.15
N SER A 143 -13.78 -11.71 0.30
CA SER A 143 -14.13 -13.12 0.35
C SER A 143 -14.01 -13.77 -1.01
N PRO A 144 -13.94 -15.12 -1.03
CA PRO A 144 -13.92 -15.84 -2.30
C PRO A 144 -15.08 -15.38 -3.19
N ALA A 145 -16.23 -15.13 -2.60
CA ALA A 145 -17.39 -14.69 -3.34
C ALA A 145 -17.13 -13.38 -4.05
N VAL A 146 -16.60 -12.41 -3.31
CA VAL A 146 -16.29 -11.11 -3.87
C VAL A 146 -15.31 -11.26 -5.03
N LEU A 147 -14.26 -12.05 -4.79
CA LEU A 147 -13.24 -12.27 -5.80
C LEU A 147 -13.84 -12.94 -7.04
N ALA A 148 -14.64 -13.97 -6.81
CA ALA A 148 -15.29 -14.67 -7.91
C ALA A 148 -16.15 -13.71 -8.73
N GLU A 149 -16.86 -12.83 -8.03
CA GLU A 149 -17.75 -11.88 -8.68
C GLU A 149 -16.99 -11.00 -9.68
N ARG A 150 -15.83 -10.51 -9.25
CA ARG A 150 -15.01 -9.67 -10.10
C ARG A 150 -14.33 -10.46 -11.24
N ALA A 151 -13.96 -11.70 -10.96
CA ALA A 151 -13.26 -12.52 -11.95
C ALA A 151 -14.11 -12.81 -13.19
N VAL A 152 -15.36 -13.23 -12.96
CA VAL A 152 -16.23 -13.61 -14.08
C VAL A 152 -16.58 -12.42 -14.96
N LYS A 153 -16.69 -11.24 -14.35
CA LYS A 153 -17.16 -10.06 -15.05
C LYS A 153 -16.09 -9.36 -15.90
N THR A 154 -14.90 -9.96 -15.97
CA THR A 154 -13.81 -9.33 -16.72
C THR A 154 -13.07 -10.29 -17.64
N LYS A 155 -12.41 -9.73 -18.64
CA LYS A 155 -11.65 -10.52 -19.59
C LYS A 155 -10.14 -10.41 -19.36
N ARG A 156 -9.75 -9.59 -18.39
CA ARG A 156 -8.34 -9.35 -18.13
C ARG A 156 -7.65 -10.57 -17.52
N SER A 157 -6.32 -10.54 -17.52
CA SER A 157 -5.54 -11.60 -16.89
C SER A 157 -5.79 -11.58 -15.39
N VAL A 158 -5.61 -12.72 -14.73
CA VAL A 158 -5.82 -12.80 -13.29
C VAL A 158 -4.87 -11.86 -12.54
N LYS A 159 -3.67 -11.67 -13.08
CA LYS A 159 -2.72 -10.74 -12.46
C LYS A 159 -3.23 -9.30 -12.51
N ALA A 160 -3.79 -8.91 -13.64
CA ALA A 160 -4.33 -7.57 -13.77
C ALA A 160 -5.46 -7.36 -12.77
N LEU A 161 -6.29 -8.40 -12.61
CA LEU A 161 -7.38 -8.35 -11.65
C LEU A 161 -6.89 -8.07 -10.23
N LEU A 162 -5.89 -8.84 -9.78
CA LEU A 162 -5.41 -8.70 -8.40
C LEU A 162 -4.65 -7.41 -8.19
N LEU A 163 -4.16 -6.82 -9.27
CA LEU A 163 -3.47 -5.53 -9.19
C LEU A 163 -4.46 -4.38 -9.10
N ASP A 164 -5.73 -4.67 -9.36
CA ASP A 164 -6.79 -3.65 -9.38
C ASP A 164 -7.19 -3.23 -7.96
N CYS A 165 -6.84 -1.99 -7.58
CA CYS A 165 -7.12 -1.51 -6.23
C CYS A 165 -8.60 -1.52 -5.82
N THR A 166 -9.51 -1.51 -6.78
CA THR A 166 -10.94 -1.58 -6.45
C THR A 166 -11.36 -3.00 -6.10
N VAL A 167 -10.59 -3.98 -6.54
CA VAL A 167 -10.87 -5.38 -6.25
C VAL A 167 -10.48 -5.71 -4.81
N VAL A 168 -9.28 -5.30 -4.43
CA VAL A 168 -8.76 -5.59 -3.11
C VAL A 168 -7.69 -4.55 -2.81
N ALA A 169 -7.63 -4.09 -1.56
CA ALA A 169 -6.80 -2.93 -1.22
C ALA A 169 -5.33 -3.28 -0.99
N GLY A 170 -4.45 -2.64 -1.76
CA GLY A 170 -3.03 -2.63 -1.49
C GLY A 170 -2.26 -3.92 -1.75
N PHE A 171 -2.75 -4.75 -2.65
CA PHE A 171 -2.05 -5.97 -3.04
C PHE A 171 -1.02 -5.66 -4.12
N GLY A 172 0.25 -5.62 -3.74
CA GLY A 172 1.29 -5.24 -4.68
C GLY A 172 1.76 -6.33 -5.63
N ASN A 173 2.66 -5.95 -6.54
CA ASN A 173 3.20 -6.86 -7.54
C ASN A 173 3.83 -8.11 -6.94
N ILE A 174 4.64 -7.91 -5.92
CA ILE A 174 5.35 -9.00 -5.27
C ILE A 174 4.35 -10.02 -4.72
N TYR A 175 3.34 -9.54 -4.00
CA TYR A 175 2.41 -10.46 -3.34
C TYR A 175 1.46 -11.11 -4.34
N VAL A 176 1.17 -10.41 -5.42
CA VAL A 176 0.41 -11.01 -6.50
C VAL A 176 1.16 -12.21 -7.11
N ASP A 177 2.43 -12.02 -7.44
CA ASP A 177 3.23 -13.10 -8.03
C ASP A 177 3.39 -14.28 -7.04
N GLU A 178 3.74 -13.97 -5.80
CA GLU A 178 3.86 -15.00 -4.78
C GLU A 178 2.56 -15.79 -4.58
N SER A 179 1.44 -15.07 -4.48
CA SER A 179 0.14 -15.70 -4.23
C SER A 179 -0.29 -16.58 -5.40
N LEU A 180 -0.04 -16.12 -6.61
CA LEU A 180 -0.38 -16.90 -7.80
C LEU A 180 0.49 -18.15 -7.85
N PHE A 181 1.77 -18.03 -7.54
CA PHE A 181 2.61 -19.22 -7.47
C PHE A 181 2.04 -20.19 -6.43
N ARG A 182 1.72 -19.67 -5.25
CA ARG A 182 1.26 -20.52 -4.17
C ARG A 182 -0.08 -21.18 -4.48
N ALA A 183 -0.91 -20.48 -5.26
CA ALA A 183 -2.20 -21.00 -5.68
C ALA A 183 -2.06 -21.88 -6.93
N GLY A 184 -0.84 -21.98 -7.46
CA GLY A 184 -0.60 -22.78 -8.65
C GLY A 184 -1.28 -22.27 -9.91
N ILE A 185 -1.38 -20.94 -10.04
CA ILE A 185 -2.07 -20.32 -11.15
C ILE A 185 -1.15 -19.43 -11.98
N LEU A 186 -1.12 -19.64 -13.30
CA LEU A 186 -0.30 -18.80 -14.17
C LEU A 186 -0.84 -17.38 -14.15
N PRO A 187 0.06 -16.39 -14.07
CA PRO A 187 -0.38 -15.00 -13.92
C PRO A 187 -1.07 -14.49 -15.18
N GLY A 188 -0.80 -15.12 -16.32
CA GLY A 188 -1.38 -14.70 -17.59
C GLY A 188 -2.72 -15.32 -17.90
N ARG A 189 -3.19 -16.22 -17.03
CA ARG A 189 -4.51 -16.82 -17.19
C ARG A 189 -5.56 -15.71 -17.20
N PRO A 190 -6.50 -15.76 -18.14
CA PRO A 190 -7.63 -14.83 -18.03
C PRO A 190 -8.42 -15.10 -16.75
N ALA A 191 -8.75 -14.04 -16.01
CA ALA A 191 -9.46 -14.19 -14.75
C ALA A 191 -10.74 -15.01 -14.87
N ALA A 192 -11.40 -14.88 -16.01
CA ALA A 192 -12.65 -15.60 -16.24
C ALA A 192 -12.42 -17.10 -16.43
N SER A 193 -11.17 -17.48 -16.70
CA SER A 193 -10.86 -18.89 -16.95
C SER A 193 -10.67 -19.65 -15.65
N LEU A 194 -10.60 -18.92 -14.54
CA LEU A 194 -10.38 -19.56 -13.24
C LEU A 194 -11.62 -20.30 -12.77
N SER A 195 -11.43 -21.56 -12.39
CA SER A 195 -12.52 -22.34 -11.82
C SER A 195 -12.88 -21.80 -10.45
N SER A 196 -13.98 -22.28 -9.90
CA SER A 196 -14.40 -21.91 -8.56
C SER A 196 -13.37 -22.38 -7.54
N LYS A 197 -12.84 -23.57 -7.75
CA LYS A 197 -11.83 -24.14 -6.86
C LYS A 197 -10.54 -23.30 -6.91
N GLU A 198 -10.20 -22.80 -8.08
CA GLU A 198 -9.02 -21.96 -8.24
C GLU A 198 -9.21 -20.61 -7.53
N ILE A 199 -10.42 -20.08 -7.58
CA ILE A 199 -10.75 -18.82 -6.89
C ILE A 199 -10.58 -18.96 -5.38
N GLU A 200 -11.16 -20.00 -4.80
CA GLU A 200 -11.04 -20.24 -3.37
C GLU A 200 -9.58 -20.40 -2.97
N ARG A 201 -8.84 -21.14 -3.78
CA ARG A 201 -7.44 -21.39 -3.51
C ARG A 201 -6.66 -20.08 -3.54
N LEU A 202 -6.91 -19.28 -4.58
CA LEU A 202 -6.25 -17.99 -4.74
C LEU A 202 -6.57 -17.07 -3.55
N HIS A 203 -7.84 -16.94 -3.20
CA HIS A 203 -8.22 -16.14 -2.04
C HIS A 203 -7.46 -16.60 -0.79
N GLU A 204 -7.43 -17.91 -0.59
CA GLU A 204 -6.78 -18.48 0.58
C GLU A 204 -5.28 -18.19 0.62
N GLU A 205 -4.62 -18.29 -0.52
CA GLU A 205 -3.19 -18.01 -0.58
C GLU A 205 -2.91 -16.51 -0.48
N MET A 206 -3.81 -15.71 -1.03
CA MET A 206 -3.70 -14.26 -0.91
C MET A 206 -3.71 -13.84 0.56
N VAL A 207 -4.69 -14.35 1.30
CA VAL A 207 -4.81 -14.02 2.72
C VAL A 207 -3.62 -14.54 3.49
N ALA A 208 -3.20 -15.77 3.19
CA ALA A 208 -2.07 -16.38 3.88
C ALA A 208 -0.80 -15.59 3.63
N THR A 209 -0.57 -15.24 2.37
CA THR A 209 0.64 -14.53 1.98
C THR A 209 0.73 -13.19 2.70
N ILE A 210 -0.32 -12.39 2.59
CA ILE A 210 -0.32 -11.06 3.19
C ILE A 210 -0.38 -11.18 4.71
N GLY A 211 -1.14 -12.17 5.19
CA GLY A 211 -1.31 -12.40 6.62
C GLY A 211 -0.04 -12.82 7.32
N GLU A 212 0.71 -13.72 6.70
CA GLU A 212 1.99 -14.14 7.26
C GLU A 212 2.99 -12.98 7.27
N ALA A 213 2.91 -12.13 6.25
CA ALA A 213 3.86 -11.03 6.13
C ALA A 213 3.62 -9.94 7.19
N VAL A 214 2.36 -9.69 7.52
CA VAL A 214 2.06 -8.66 8.52
C VAL A 214 2.51 -9.08 9.92
N MET A 215 2.65 -10.38 10.13
CA MET A 215 3.08 -10.90 11.43
C MET A 215 4.60 -10.77 11.63
N HIS A 237 10.46 -15.76 3.07
CA HIS A 237 11.18 -15.72 1.80
C HIS A 237 10.24 -15.78 0.61
N LEU A 238 10.83 -15.65 -0.58
CA LEU A 238 10.04 -15.58 -1.80
C LEU A 238 10.19 -16.85 -2.61
N TYR A 239 9.12 -17.22 -3.33
CA TYR A 239 9.16 -18.40 -4.18
C TYR A 239 9.57 -18.05 -5.59
N VAL A 240 9.09 -16.91 -6.08
CA VAL A 240 9.29 -16.54 -7.48
C VAL A 240 9.78 -15.11 -7.70
N TYR A 241 9.27 -14.17 -6.91
CA TYR A 241 9.59 -12.77 -7.20
C TYR A 241 11.09 -12.50 -7.21
N GLY A 242 11.58 -11.97 -8.33
CA GLY A 242 13.00 -11.64 -8.47
C GLY A 242 13.93 -12.84 -8.55
N ARG A 243 13.38 -14.04 -8.74
CA ARG A 243 14.22 -15.25 -8.73
C ARG A 243 14.42 -15.86 -10.13
N GLN A 244 14.13 -15.09 -11.17
CA GLN A 244 14.24 -15.60 -12.53
C GLN A 244 15.62 -16.19 -12.78
N GLY A 245 15.66 -17.31 -13.50
CA GLY A 245 16.90 -18.00 -13.81
C GLY A 245 17.36 -18.90 -12.69
N ASN A 246 16.66 -18.83 -11.55
CA ASN A 246 16.98 -19.68 -10.41
C ASN A 246 15.97 -20.83 -10.30
N PRO A 247 16.38 -21.94 -9.67
CA PRO A 247 15.50 -23.10 -9.53
C PRO A 247 14.28 -22.79 -8.66
N CYS A 248 13.12 -23.27 -9.08
CA CYS A 248 11.93 -23.22 -8.24
C CYS A 248 12.20 -24.03 -6.99
N LYS A 249 11.79 -23.47 -5.84
CA LYS A 249 12.05 -24.09 -4.54
C LYS A 249 11.17 -25.31 -4.31
N ARG A 250 10.14 -25.47 -5.13
N ARG A 250 10.14 -25.45 -5.12
CA ARG A 250 9.24 -26.60 -4.98
CA ARG A 250 9.23 -26.57 -5.02
C ARG A 250 9.45 -27.70 -6.03
C ARG A 250 9.63 -27.70 -5.97
N CYS A 251 9.95 -27.35 -7.21
CA CYS A 251 10.15 -28.36 -8.26
C CYS A 251 11.48 -28.28 -8.99
N GLY A 252 12.24 -27.21 -8.78
CA GLY A 252 13.58 -27.11 -9.33
C GLY A 252 13.66 -26.56 -10.74
N THR A 253 12.52 -26.35 -11.36
CA THR A 253 12.46 -25.75 -12.71
C THR A 253 12.88 -24.29 -12.64
N PRO A 254 13.69 -23.84 -13.60
CA PRO A 254 14.10 -22.43 -13.49
C PRO A 254 12.90 -21.49 -13.48
N ILE A 255 12.92 -20.50 -12.59
CA ILE A 255 11.86 -19.52 -12.56
C ILE A 255 11.97 -18.64 -13.79
N GLU A 256 10.84 -18.32 -14.40
CA GLU A 256 10.86 -17.46 -15.56
C GLU A 256 10.29 -16.08 -15.26
N LYS A 257 10.70 -15.11 -16.08
CA LYS A 257 10.19 -13.76 -15.98
C LYS A 257 9.74 -13.28 -17.35
N THR A 258 8.52 -12.78 -17.42
CA THR A 258 8.01 -12.12 -18.62
C THR A 258 7.32 -10.83 -18.20
N VAL A 259 6.55 -10.26 -19.12
CA VAL A 259 5.76 -9.09 -18.79
C VAL A 259 4.28 -9.41 -18.89
N VAL A 260 3.56 -9.20 -17.79
CA VAL A 260 2.11 -9.38 -17.75
C VAL A 260 1.49 -8.14 -17.12
N ALA A 261 0.43 -7.62 -17.73
CA ALA A 261 -0.19 -6.39 -17.25
C ALA A 261 0.83 -5.26 -17.09
N GLY A 262 1.75 -5.17 -18.05
CA GLY A 262 2.76 -4.14 -18.06
C GLY A 262 3.69 -4.18 -16.86
N ARG A 263 3.86 -5.36 -16.30
CA ARG A 263 4.65 -5.52 -15.08
C ARG A 263 5.64 -6.67 -15.15
N GLY A 264 6.71 -6.56 -14.38
CA GLY A 264 7.62 -7.68 -14.18
C GLY A 264 6.83 -8.81 -13.55
N THR A 265 6.85 -9.97 -14.21
CA THR A 265 6.05 -11.11 -13.78
C THR A 265 6.88 -12.37 -13.67
N HIS A 266 6.92 -12.93 -12.47
CA HIS A 266 7.71 -14.11 -12.17
C HIS A 266 6.80 -15.28 -11.86
N TYR A 267 7.18 -16.44 -12.38
CA TYR A 267 6.35 -17.63 -12.22
C TYR A 267 7.17 -18.88 -12.52
N CYS A 268 6.72 -20.01 -11.98
CA CYS A 268 7.25 -21.29 -12.36
C CYS A 268 6.32 -21.94 -13.37
N PRO A 269 6.84 -22.23 -14.57
CA PRO A 269 6.05 -22.79 -15.67
C PRO A 269 5.62 -24.23 -15.39
N ARG A 270 6.14 -24.84 -14.34
CA ARG A 270 5.70 -26.19 -13.98
C ARG A 270 4.66 -26.17 -12.87
N CYS A 271 4.93 -25.45 -11.78
CA CYS A 271 4.01 -25.41 -10.64
C CYS A 271 2.75 -24.65 -10.98
N GLN A 272 2.86 -23.67 -11.86
CA GLN A 272 1.68 -22.85 -12.17
C GLN A 272 1.10 -23.23 -13.52
N ARG A 273 -0.22 -23.20 -13.59
CA ARG A 273 -0.93 -23.64 -14.78
C ARG A 273 -1.98 -22.61 -15.18
#